data_4HO2
#
_entry.id   4HO2
#
_cell.length_a   91.895
_cell.length_b   91.895
_cell.length_c   70.134
_cell.angle_alpha   90.000
_cell.angle_beta   90.000
_cell.angle_gamma   90.000
#
_symmetry.space_group_name_H-M   'P 42 21 2'
#
loop_
_entity.id
_entity.type
_entity.pdbx_description
1 polymer 'Glucose-1-phosphate thymidylyltransferase'
2 non-polymer THYMIDINE
3 non-polymer 'SULFATE ION'
4 water water
#
_entity_poly.entity_id   1
_entity_poly.type   'polypeptide(L)'
_entity_poly.pdbx_seq_one_letter_code
;MKGIILSGGSGTRLYPLTKVVSKQLLPVYDKPMVYYPLSVLMLAGIKDILIISTPEDTPRFEQLLGGGSELGISLSYAVQ
SSPDGLAQAFIIGEEFIGDDNVALVLGDNIFYGHGFTELLQRAANRKSGATIFGYNVKDPQRFGVVEFDEKGKVISIEEK
PEEPKSSYAVTGLYFYDNRVVDIAKNITPSARGELEITDVNKAYLELGELHVELLGRGFAWLDTGTHESLLQASQFIETI
EKRQSLKVACLEEIAYRMGYISREQLIKLAEPLMKNEYGQYLMNLAHRSKDLVTVEG
;
_entity_poly.pdbx_strand_id   A
#
loop_
_chem_comp.id
_chem_comp.type
_chem_comp.name
_chem_comp.formula
SO4 non-polymer 'SULFATE ION' 'O4 S -2'
THM DNA OH 5 prime terminus THYMIDINE 'C10 H14 N2 O5'
#
# COMPACT_ATOMS: atom_id res chain seq x y z
N MET A 1 15.16 3.08 -2.61
CA MET A 1 14.20 1.98 -2.38
C MET A 1 13.16 1.86 -3.52
N LYS A 2 12.83 0.63 -3.85
CA LYS A 2 11.85 0.34 -4.85
C LYS A 2 10.53 0.07 -4.11
N GLY A 3 9.42 -0.06 -4.83
CA GLY A 3 8.20 -0.40 -4.14
C GLY A 3 7.42 -1.42 -4.95
N ILE A 4 6.62 -2.21 -4.26
CA ILE A 4 5.72 -3.17 -4.96
C ILE A 4 4.29 -2.96 -4.46
N ILE A 5 3.33 -2.91 -5.36
CA ILE A 5 1.89 -2.97 -4.90
C ILE A 5 1.30 -4.35 -5.26
N LEU A 6 0.97 -5.14 -4.23
CA LEU A 6 0.42 -6.46 -4.47
C LEU A 6 -1.08 -6.30 -4.54
N SER A 7 -1.58 -6.50 -5.74
CA SER A 7 -2.93 -6.10 -6.11
C SER A 7 -3.71 -7.18 -6.92
N GLY A 8 -3.67 -8.41 -6.42
CA GLY A 8 -4.53 -9.48 -6.98
C GLY A 8 -5.41 -10.08 -5.92
N GLY A 9 -5.32 -11.40 -5.74
CA GLY A 9 -6.17 -12.11 -4.79
C GLY A 9 -7.31 -12.79 -5.50
N SER A 10 -7.89 -13.78 -4.86
CA SER A 10 -9.01 -14.47 -5.50
C SER A 10 -10.22 -13.99 -4.79
N GLY A 11 -10.29 -12.67 -4.64
CA GLY A 11 -11.23 -12.04 -3.73
C GLY A 11 -12.63 -12.41 -4.16
N THR A 12 -13.49 -12.70 -3.19
CA THR A 12 -14.81 -13.29 -3.46
C THR A 12 -15.85 -12.64 -2.55
N ARG A 13 -15.38 -12.09 -1.44
CA ARG A 13 -16.25 -11.46 -0.46
C ARG A 13 -17.10 -10.34 -1.12
N LEU A 14 -16.54 -9.72 -2.15
CA LEU A 14 -17.18 -8.54 -2.74
C LEU A 14 -18.01 -8.88 -3.97
N TYR A 15 -18.14 -10.19 -4.26
CA TYR A 15 -19.03 -10.65 -5.35
C TYR A 15 -20.44 -10.00 -5.24
N PRO A 16 -21.03 -9.54 -6.34
CA PRO A 16 -20.63 -9.64 -7.74
C PRO A 16 -19.82 -8.46 -8.27
N LEU A 17 -19.36 -7.55 -7.41
CA LEU A 17 -18.56 -6.41 -7.89
C LEU A 17 -17.29 -6.93 -8.54
N THR A 18 -16.76 -8.01 -7.97
CA THR A 18 -15.51 -8.60 -8.44
C THR A 18 -15.77 -9.85 -9.31
N LYS A 19 -16.97 -9.97 -9.84
CA LYS A 19 -17.29 -11.11 -10.71
C LYS A 19 -16.30 -11.17 -11.83
N VAL A 20 -15.96 -10.01 -12.39
CA VAL A 20 -14.98 -9.97 -13.47
C VAL A 20 -13.62 -9.43 -13.01
N VAL A 21 -13.65 -8.26 -12.35
CA VAL A 21 -12.42 -7.51 -12.04
C VAL A 21 -11.98 -7.65 -10.60
N SER A 22 -10.73 -7.31 -10.35
CA SER A 22 -10.16 -7.40 -9.01
C SER A 22 -10.64 -6.21 -8.16
N LYS A 23 -10.77 -6.38 -6.85
CA LYS A 23 -11.31 -5.32 -5.98
C LYS A 23 -10.60 -3.98 -6.06
N GLN A 24 -9.29 -3.97 -6.36
CA GLN A 24 -8.48 -2.73 -6.26
C GLN A 24 -8.73 -1.77 -7.40
N LEU A 25 -9.56 -2.20 -8.34
CA LEU A 25 -10.05 -1.35 -9.46
C LEU A 25 -11.36 -0.65 -9.11
N LEU A 26 -11.97 -1.05 -8.01
CA LEU A 26 -13.26 -0.45 -7.58
C LEU A 26 -13.10 0.95 -6.96
N PRO A 27 -14.17 1.78 -7.00
CA PRO A 27 -14.00 3.17 -6.48
C PRO A 27 -13.91 3.17 -4.98
N VAL A 28 -13.13 4.11 -4.45
CA VAL A 28 -13.27 4.52 -3.05
C VAL A 28 -13.59 6.01 -3.12
N TYR A 29 -14.89 6.29 -3.18
CA TYR A 29 -15.48 7.62 -3.33
C TYR A 29 -15.34 8.11 -4.76
N ASP A 30 -14.22 8.75 -5.03
CA ASP A 30 -14.03 9.45 -6.29
C ASP A 30 -12.77 9.00 -7.05
N LYS A 31 -12.06 8.02 -6.54
CA LYS A 31 -10.91 7.45 -7.29
C LYS A 31 -10.77 5.96 -7.09
N PRO A 32 -10.17 5.28 -8.09
CA PRO A 32 -9.98 3.84 -7.94
C PRO A 32 -9.20 3.53 -6.67
N MET A 33 -9.56 2.45 -6.04
CA MET A 33 -8.93 2.03 -4.76
C MET A 33 -7.41 2.01 -4.83
N VAL A 34 -6.89 1.47 -5.94
CA VAL A 34 -5.43 1.41 -6.10
C VAL A 34 -4.66 2.74 -5.98
N TYR A 35 -5.31 3.87 -6.33
CA TYR A 35 -4.65 5.18 -6.17
C TYR A 35 -4.16 5.39 -4.73
N TYR A 36 -4.92 4.91 -3.75
CA TYR A 36 -4.56 5.13 -2.34
C TYR A 36 -3.22 4.53 -1.89
N PRO A 37 -3.04 3.19 -2.07
CA PRO A 37 -1.71 2.70 -1.78
C PRO A 37 -0.62 3.26 -2.71
N LEU A 38 -0.92 3.53 -3.98
CA LEU A 38 0.13 4.07 -4.87
C LEU A 38 0.59 5.44 -4.33
N SER A 39 -0.38 6.23 -3.86
CA SER A 39 -0.04 7.55 -3.30
C SER A 39 0.88 7.42 -2.11
N VAL A 40 0.72 6.34 -1.32
CA VAL A 40 1.54 6.15 -0.13
C VAL A 40 3.04 5.87 -0.51
N LEU A 41 3.24 5.01 -1.51
CA LEU A 41 4.63 4.78 -1.98
C LEU A 41 5.24 6.07 -2.52
N MET A 42 4.45 6.83 -3.27
CA MET A 42 4.95 8.06 -3.84
C MET A 42 5.33 9.05 -2.73
N LEU A 43 4.47 9.18 -1.71
CA LEU A 43 4.78 10.10 -0.58
C LEU A 43 6.01 9.64 0.23
N ALA A 44 6.32 8.33 0.20
CA ALA A 44 7.52 7.79 0.85
C ALA A 44 8.79 8.14 0.12
N GLY A 45 8.66 8.69 -1.08
CA GLY A 45 9.82 9.02 -1.91
C GLY A 45 10.20 7.93 -2.90
N ILE A 46 9.29 6.96 -3.06
CA ILE A 46 9.52 5.81 -3.94
C ILE A 46 9.04 6.03 -5.36
N LYS A 47 9.95 5.88 -6.31
CA LYS A 47 9.67 6.36 -7.68
C LYS A 47 9.73 5.24 -8.72
N ASP A 48 10.08 4.05 -8.28
CA ASP A 48 10.21 2.91 -9.20
C ASP A 48 9.39 1.76 -8.59
N ILE A 49 8.29 1.41 -9.22
CA ILE A 49 7.26 0.63 -8.50
C ILE A 49 6.75 -0.44 -9.45
N LEU A 50 6.65 -1.65 -8.92
CA LEU A 50 6.11 -2.75 -9.65
C LEU A 50 4.67 -3.02 -9.16
N ILE A 51 3.72 -3.14 -10.09
CA ILE A 51 2.36 -3.55 -9.71
C ILE A 51 2.12 -5.02 -10.14
N ILE A 52 1.74 -5.84 -9.17
CA ILE A 52 1.52 -7.28 -9.38
C ILE A 52 0.00 -7.54 -9.24
N SER A 53 -0.56 -8.19 -10.24
CA SER A 53 -1.94 -8.61 -10.11
C SER A 53 -2.18 -9.94 -10.84
N THR A 54 -3.44 -10.31 -11.00
CA THR A 54 -3.79 -11.58 -11.67
C THR A 54 -3.45 -11.53 -13.15
N PRO A 55 -3.53 -12.68 -13.86
CA PRO A 55 -3.36 -12.67 -15.31
C PRO A 55 -4.33 -11.73 -15.99
N GLU A 56 -5.60 -11.74 -15.58
CA GLU A 56 -6.61 -10.95 -16.28
C GLU A 56 -6.64 -9.49 -15.83
N ASP A 57 -6.28 -9.22 -14.57
CA ASP A 57 -6.32 -7.81 -14.06
C ASP A 57 -5.05 -6.96 -14.19
N THR A 58 -3.89 -7.59 -14.35
CA THR A 58 -2.69 -6.80 -14.51
C THR A 58 -2.79 -5.82 -15.69
N PRO A 59 -3.35 -6.24 -16.84
CA PRO A 59 -3.49 -5.30 -17.98
C PRO A 59 -4.50 -4.17 -17.68
N ARG A 60 -5.46 -4.43 -16.78
CA ARG A 60 -6.45 -3.43 -16.40
C ARG A 60 -5.75 -2.36 -15.59
N PHE A 61 -4.84 -2.76 -14.70
CA PHE A 61 -4.10 -1.76 -13.89
C PHE A 61 -3.21 -0.93 -14.80
N GLU A 62 -2.54 -1.59 -15.75
CA GLU A 62 -1.69 -0.88 -16.69
C GLU A 62 -2.49 0.09 -17.55
N GLN A 63 -3.71 -0.25 -17.94
CA GLN A 63 -4.50 0.65 -18.75
C GLN A 63 -4.91 1.88 -17.91
N LEU A 64 -5.22 1.65 -16.65
CA LEU A 64 -5.60 2.76 -15.77
C LEU A 64 -4.42 3.68 -15.49
N LEU A 65 -3.26 3.13 -15.14
CA LEU A 65 -2.19 3.92 -14.52
C LEU A 65 -1.06 4.26 -15.47
N GLY A 66 -0.89 3.46 -16.53
CA GLY A 66 0.17 3.70 -17.49
C GLY A 66 1.57 3.31 -17.01
N GLY A 67 2.56 3.93 -17.63
CA GLY A 67 3.95 3.63 -17.36
C GLY A 67 4.58 4.53 -16.31
N GLY A 68 3.78 5.47 -15.80
CA GLY A 68 4.26 6.34 -14.71
C GLY A 68 4.82 7.66 -15.20
N SER A 69 5.21 7.75 -16.48
CA SER A 69 5.98 8.92 -16.93
C SER A 69 5.27 10.25 -16.63
N GLU A 70 3.94 10.28 -16.83
CA GLU A 70 3.07 11.46 -16.48
C GLU A 70 3.28 11.95 -15.06
N LEU A 71 3.55 11.02 -14.14
CA LEU A 71 3.69 11.31 -12.73
C LEU A 71 5.17 11.43 -12.36
N GLY A 72 6.05 11.36 -13.36
CA GLY A 72 7.47 11.47 -13.08
C GLY A 72 8.04 10.26 -12.37
N ILE A 73 7.33 9.11 -12.46
CA ILE A 73 7.82 7.90 -11.83
C ILE A 73 7.86 6.79 -12.85
N SER A 74 8.21 5.61 -12.39
CA SER A 74 8.24 4.43 -13.24
C SER A 74 7.35 3.33 -12.68
N LEU A 75 6.34 2.95 -13.46
CA LEU A 75 5.46 1.82 -13.12
C LEU A 75 5.75 0.66 -14.06
N SER A 76 5.96 -0.51 -13.47
CA SER A 76 6.16 -1.77 -14.16
C SER A 76 5.12 -2.74 -13.68
N TYR A 77 4.94 -3.83 -14.43
CA TYR A 77 3.85 -4.78 -14.18
C TYR A 77 4.31 -6.24 -14.22
N ALA A 78 3.81 -7.03 -13.29
CA ALA A 78 4.07 -8.48 -13.34
C ALA A 78 2.82 -9.27 -12.90
N VAL A 79 2.75 -10.51 -13.35
CA VAL A 79 1.57 -11.32 -13.09
C VAL A 79 1.84 -12.32 -12.01
N GLN A 80 0.90 -12.46 -11.07
CA GLN A 80 0.90 -13.53 -10.09
C GLN A 80 -0.15 -14.54 -10.55
N SER A 81 0.25 -15.75 -10.92
CA SER A 81 -0.69 -16.62 -11.63
C SER A 81 -1.71 -17.22 -10.67
N SER A 82 -1.31 -17.34 -9.41
CA SER A 82 -2.17 -17.82 -8.32
C SER A 82 -1.86 -17.12 -6.97
N PRO A 83 -2.90 -16.77 -6.18
CA PRO A 83 -2.70 -16.05 -4.91
C PRO A 83 -2.09 -16.94 -3.82
N ASP A 84 -0.81 -17.23 -3.98
CA ASP A 84 -0.14 -18.25 -3.15
C ASP A 84 0.54 -17.55 -1.96
N GLY A 85 0.26 -16.25 -1.77
CA GLY A 85 0.66 -15.54 -0.52
C GLY A 85 1.42 -14.23 -0.74
N LEU A 86 1.40 -13.34 0.27
CA LEU A 86 2.04 -12.02 0.09
C LEU A 86 3.53 -12.17 -0.16
N ALA A 87 4.19 -13.14 0.48
CA ALA A 87 5.65 -13.24 0.33
C ALA A 87 6.07 -13.56 -1.10
N GLN A 88 5.12 -14.02 -1.90
CA GLN A 88 5.42 -14.34 -3.26
C GLN A 88 5.71 -13.06 -4.09
N ALA A 89 5.24 -11.92 -3.62
CA ALA A 89 5.57 -10.66 -4.30
C ALA A 89 7.09 -10.51 -4.48
N PHE A 90 7.86 -10.98 -3.51
CA PHE A 90 9.32 -10.80 -3.52
C PHE A 90 10.02 -11.83 -4.44
N ILE A 91 9.30 -12.89 -4.80
CA ILE A 91 9.82 -13.91 -5.75
C ILE A 91 9.46 -13.55 -7.18
N ILE A 92 8.20 -13.20 -7.41
CA ILE A 92 7.79 -12.57 -8.66
C ILE A 92 8.64 -11.32 -8.95
N GLY A 93 8.94 -10.54 -7.91
CA GLY A 93 9.64 -9.28 -8.10
C GLY A 93 11.15 -9.39 -7.96
N GLU A 94 11.69 -10.61 -7.97
CA GLU A 94 13.13 -10.76 -7.73
C GLU A 94 13.96 -9.87 -8.66
N GLU A 95 13.68 -9.95 -9.96
CA GLU A 95 14.50 -9.27 -10.97
C GLU A 95 14.36 -7.76 -10.82
N PHE A 96 13.12 -7.34 -10.65
CA PHE A 96 12.78 -5.95 -10.38
C PHE A 96 13.55 -5.35 -9.19
N ILE A 97 13.59 -6.09 -8.08
CA ILE A 97 14.18 -5.65 -6.82
C ILE A 97 15.73 -5.56 -6.94
N GLY A 98 16.33 -6.53 -7.65
CA GLY A 98 17.80 -6.54 -7.77
C GLY A 98 18.43 -6.51 -6.40
N ASP A 99 19.41 -5.62 -6.20
CA ASP A 99 20.14 -5.56 -4.94
C ASP A 99 19.54 -4.54 -3.96
N ASP A 100 18.41 -3.94 -4.36
CA ASP A 100 17.87 -2.78 -3.66
C ASP A 100 16.98 -3.14 -2.45
N ASN A 101 16.74 -2.14 -1.60
CA ASN A 101 15.68 -2.22 -0.57
C ASN A 101 14.32 -2.12 -1.25
N VAL A 102 13.26 -2.60 -0.61
CA VAL A 102 11.94 -2.65 -1.29
C VAL A 102 10.83 -2.55 -0.26
N ALA A 103 9.84 -1.72 -0.58
CA ALA A 103 8.62 -1.62 0.23
C ALA A 103 7.50 -2.41 -0.47
N LEU A 104 6.64 -3.04 0.31
CA LEU A 104 5.47 -3.73 -0.20
C LEU A 104 4.24 -3.07 0.42
N VAL A 105 3.29 -2.73 -0.42
CA VAL A 105 1.96 -2.33 0.04
C VAL A 105 0.91 -3.13 -0.67
N LEU A 106 -0.16 -3.45 0.05
CA LEU A 106 -1.30 -4.09 -0.56
C LEU A 106 -2.16 -3.07 -1.34
N GLY A 107 -2.65 -3.53 -2.47
CA GLY A 107 -3.45 -2.68 -3.34
C GLY A 107 -4.79 -2.26 -2.73
N ASP A 108 -5.23 -2.89 -1.65
CA ASP A 108 -6.53 -2.52 -1.08
C ASP A 108 -6.42 -1.81 0.30
N ASN A 109 -5.21 -1.37 0.64
CA ASN A 109 -5.00 -0.69 1.97
C ASN A 109 -5.09 0.83 1.78
N ILE A 110 -5.76 1.50 2.73
CA ILE A 110 -5.93 2.97 2.68
C ILE A 110 -5.52 3.54 4.04
N PHE A 111 -4.41 4.33 4.05
CA PHE A 111 -3.89 4.92 5.28
C PHE A 111 -4.12 6.45 5.14
N TYR A 112 -4.40 7.11 6.25
CA TYR A 112 -4.60 8.58 6.17
C TYR A 112 -4.33 9.16 7.53
N GLY A 113 -3.45 10.16 7.59
CA GLY A 113 -3.40 11.00 8.81
C GLY A 113 -2.28 12.00 8.83
N HIS A 114 -2.43 12.99 9.73
CA HIS A 114 -1.41 13.97 9.96
C HIS A 114 -0.09 13.30 10.31
N GLY A 115 0.95 13.69 9.63
CA GLY A 115 2.27 13.27 10.03
C GLY A 115 2.66 11.92 9.42
N PHE A 116 1.77 11.37 8.58
CA PHE A 116 2.04 10.06 7.99
C PHE A 116 3.21 10.18 7.02
N THR A 117 3.30 11.24 6.22
CA THR A 117 4.46 11.25 5.29
C THR A 117 5.83 11.27 5.93
N GLU A 118 5.97 11.99 7.06
CA GLU A 118 7.21 11.90 7.89
C GLU A 118 7.60 10.44 8.23
N LEU A 119 6.59 9.64 8.63
CA LEU A 119 6.83 8.22 9.01
C LEU A 119 7.25 7.39 7.79
N LEU A 120 6.51 7.58 6.70
CA LEU A 120 6.83 6.90 5.43
C LEU A 120 8.25 7.21 4.97
N GLN A 121 8.59 8.49 4.96
CA GLN A 121 9.93 8.87 4.51
C GLN A 121 11.02 8.31 5.41
N ARG A 122 10.76 8.27 6.70
CA ARG A 122 11.71 7.70 7.61
C ARG A 122 11.92 6.21 7.28
N ALA A 123 10.84 5.48 7.08
CA ALA A 123 10.95 4.03 6.77
C ALA A 123 11.65 3.80 5.44
N ALA A 124 11.36 4.63 4.43
CA ALA A 124 11.95 4.44 3.13
C ALA A 124 13.42 4.77 3.14
N ASN A 125 13.88 5.54 4.13
CA ASN A 125 15.29 6.02 4.12
C ASN A 125 16.19 5.15 4.94
N ARG A 126 15.61 4.13 5.55
CA ARG A 126 16.38 3.21 6.33
C ARG A 126 17.13 2.31 5.37
N LYS A 127 18.36 1.98 5.74
CA LYS A 127 19.21 1.26 4.84
C LYS A 127 19.34 -0.19 5.30
N SER A 128 18.83 -0.48 6.48
CA SER A 128 18.87 -1.85 7.04
C SER A 128 17.69 -2.15 7.93
N GLY A 129 17.24 -3.39 7.86
CA GLY A 129 16.17 -3.89 8.73
C GLY A 129 14.80 -3.87 8.03
N ALA A 130 13.75 -4.04 8.80
CA ALA A 130 12.40 -3.83 8.25
C ALA A 130 11.59 -2.89 9.12
N THR A 131 10.62 -2.24 8.53
CA THR A 131 9.62 -1.50 9.32
C THR A 131 8.24 -2.02 8.99
N ILE A 132 7.45 -2.31 10.04
CA ILE A 132 6.03 -2.66 9.87
C ILE A 132 5.23 -1.55 10.57
N PHE A 133 3.94 -1.53 10.35
CA PHE A 133 3.14 -0.43 10.90
C PHE A 133 1.96 -1.08 11.63
N GLY A 134 1.86 -0.83 12.93
CA GLY A 134 0.82 -1.46 13.77
C GLY A 134 -0.36 -0.50 14.01
N TYR A 135 -1.55 -1.05 14.17
CA TYR A 135 -2.73 -0.18 14.28
C TYR A 135 -3.75 -0.86 15.20
N ASN A 136 -4.33 -0.11 16.12
CA ASN A 136 -5.23 -0.71 17.09
C ASN A 136 -6.54 -1.08 16.41
N VAL A 137 -6.90 -2.36 16.38
CA VAL A 137 -8.17 -2.75 15.74
C VAL A 137 -9.11 -3.44 16.72
N LYS A 138 -10.38 -3.57 16.31
CA LYS A 138 -11.43 -4.13 17.19
C LYS A 138 -11.31 -5.67 17.41
N ASP A 139 -10.97 -6.38 16.34
CA ASP A 139 -10.92 -7.83 16.34
C ASP A 139 -9.54 -8.25 15.86
N PRO A 140 -8.50 -8.06 16.71
CA PRO A 140 -7.10 -8.26 16.31
C PRO A 140 -6.83 -9.71 15.91
N GLN A 141 -7.60 -10.65 16.46
CA GLN A 141 -7.50 -12.08 16.09
C GLN A 141 -7.70 -12.36 14.58
N ARG A 142 -8.22 -11.37 13.85
CA ARG A 142 -8.41 -11.52 12.43
C ARG A 142 -7.26 -11.07 11.58
N PHE A 143 -6.15 -10.67 12.22
CA PHE A 143 -5.01 -10.03 11.53
C PHE A 143 -3.69 -10.65 11.98
N GLY A 144 -2.60 -10.28 11.35
CA GLY A 144 -1.29 -10.45 11.99
C GLY A 144 -1.22 -9.50 13.17
N VAL A 145 -0.65 -9.96 14.28
CA VAL A 145 -0.70 -9.18 15.54
C VAL A 145 0.73 -8.97 16.05
N VAL A 146 1.08 -7.71 16.34
CA VAL A 146 2.39 -7.38 16.85
C VAL A 146 2.29 -7.04 18.33
N GLU A 147 3.07 -7.77 19.14
CA GLU A 147 3.21 -7.53 20.58
C GLU A 147 4.49 -6.74 20.82
N PHE A 148 4.41 -5.68 21.61
CA PHE A 148 5.55 -4.82 21.84
C PHE A 148 5.65 -4.46 23.32
N ASP A 149 6.81 -4.00 23.75
CA ASP A 149 6.98 -3.60 25.15
C ASP A 149 6.84 -2.08 25.31
N GLU A 150 7.02 -1.62 26.55
CA GLU A 150 6.77 -0.25 26.97
C GLU A 150 7.63 0.71 26.22
N LYS A 151 8.75 0.21 25.70
CA LYS A 151 9.64 1.04 24.90
C LYS A 151 9.34 0.92 23.39
N GLY A 152 8.38 0.05 23.04
CA GLY A 152 7.94 -0.09 21.63
C GLY A 152 8.80 -1.04 20.82
N LYS A 153 9.56 -1.88 21.51
CA LYS A 153 10.30 -2.90 20.81
C LYS A 153 9.44 -4.15 20.65
N VAL A 154 9.52 -4.76 19.46
CA VAL A 154 8.71 -5.95 19.18
C VAL A 154 9.17 -7.12 20.02
N ILE A 155 8.22 -7.81 20.64
CA ILE A 155 8.47 -9.04 21.36
C ILE A 155 8.02 -10.23 20.51
N SER A 156 6.87 -10.10 19.86
CA SER A 156 6.37 -11.21 19.05
C SER A 156 5.51 -10.72 17.92
N ILE A 157 5.30 -11.58 16.93
CA ILE A 157 4.32 -11.34 15.91
C ILE A 157 3.70 -12.64 15.39
N GLU A 158 2.37 -12.67 15.35
CA GLU A 158 1.65 -13.92 15.19
C GLU A 158 0.55 -13.76 14.19
N GLU A 159 0.40 -14.74 13.29
CA GLU A 159 -0.64 -14.63 12.27
C GLU A 159 -1.99 -15.15 12.79
N LYS A 160 -2.96 -14.26 12.95
CA LYS A 160 -4.30 -14.59 13.46
C LYS A 160 -4.32 -15.49 14.68
N PRO A 161 -3.69 -15.03 15.78
CA PRO A 161 -3.71 -15.78 17.06
C PRO A 161 -5.15 -15.96 17.62
N GLU A 162 -5.48 -17.12 18.16
CA GLU A 162 -6.73 -17.26 18.90
C GLU A 162 -6.67 -16.50 20.23
N GLU A 163 -5.45 -16.25 20.73
CA GLU A 163 -5.27 -15.46 21.95
C GLU A 163 -4.32 -14.28 21.74
N PRO A 164 -4.83 -13.20 21.12
CA PRO A 164 -3.99 -12.08 20.72
C PRO A 164 -3.19 -11.55 21.89
N LYS A 165 -1.90 -11.34 21.70
CA LYS A 165 -1.06 -10.74 22.76
C LYS A 165 -1.13 -9.20 22.84
N SER A 166 -1.71 -8.59 21.81
CA SER A 166 -2.04 -7.16 21.83
C SER A 166 -3.25 -6.88 20.96
N SER A 167 -3.60 -5.61 20.91
CA SER A 167 -4.71 -5.15 20.15
C SER A 167 -4.25 -4.57 18.78
N TYR A 168 -2.96 -4.68 18.49
CA TYR A 168 -2.34 -4.05 17.31
C TYR A 168 -2.13 -4.99 16.14
N ALA A 169 -2.90 -4.74 15.08
CA ALA A 169 -2.76 -5.46 13.83
C ALA A 169 -1.58 -4.96 13.06
N VAL A 170 -0.95 -5.89 12.33
CA VAL A 170 0.11 -5.49 11.44
C VAL A 170 -0.50 -5.12 10.07
N THR A 171 -0.49 -3.83 9.73
CA THR A 171 -1.13 -3.39 8.50
C THR A 171 -0.42 -3.82 7.21
N GLY A 172 -1.09 -3.63 6.08
CA GLY A 172 -0.54 -4.04 4.76
C GLY A 172 0.51 -3.12 4.18
N LEU A 173 1.46 -2.63 5.01
CA LEU A 173 2.51 -1.78 4.47
C LEU A 173 3.80 -2.17 5.15
N TYR A 174 4.83 -2.53 4.35
CA TYR A 174 6.06 -3.13 4.90
C TYR A 174 7.25 -2.54 4.17
N PHE A 175 8.32 -2.17 4.92
CA PHE A 175 9.54 -1.70 4.26
C PHE A 175 10.70 -2.68 4.60
N TYR A 176 11.46 -3.09 3.60
CA TYR A 176 12.46 -4.13 3.83
C TYR A 176 13.79 -3.75 3.22
N ASP A 177 14.87 -4.22 3.87
CA ASP A 177 16.18 -4.30 3.21
C ASP A 177 16.26 -5.52 2.24
N ASN A 178 17.35 -5.62 1.52
CA ASN A 178 17.39 -6.50 0.35
C ASN A 178 17.38 -7.96 0.73
N ARG A 179 17.52 -8.25 2.01
CA ARG A 179 17.53 -9.63 2.52
C ARG A 179 16.17 -10.27 2.35
N VAL A 180 15.16 -9.43 2.08
CA VAL A 180 13.80 -9.96 1.94
C VAL A 180 13.62 -10.98 0.82
N VAL A 181 14.36 -10.82 -0.29
CA VAL A 181 14.23 -11.75 -1.44
C VAL A 181 14.62 -13.17 -1.04
N ASP A 182 15.76 -13.34 -0.38
CA ASP A 182 16.20 -14.72 -0.01
C ASP A 182 15.40 -15.28 1.15
N ILE A 183 14.85 -14.40 1.97
CA ILE A 183 14.03 -14.81 3.09
C ILE A 183 12.72 -15.40 2.55
N ALA A 184 12.15 -14.70 1.58
CA ALA A 184 10.90 -15.12 0.95
C ALA A 184 11.10 -16.48 0.27
N LYS A 185 12.29 -16.67 -0.31
CA LYS A 185 12.57 -17.91 -1.08
C LYS A 185 12.77 -19.10 -0.16
N ASN A 186 13.00 -18.84 1.12
CA ASN A 186 13.29 -19.90 2.10
C ASN A 186 12.19 -20.25 3.05
N ILE A 187 11.06 -19.59 2.97
CA ILE A 187 9.99 -19.97 3.88
C ILE A 187 8.99 -20.85 3.14
N THR A 188 8.17 -21.55 3.89
CA THR A 188 7.40 -22.61 3.28
C THR A 188 5.92 -22.35 3.49
N PRO A 189 5.06 -22.93 2.63
CA PRO A 189 3.66 -22.58 2.76
C PRO A 189 3.13 -22.91 4.12
N SER A 190 2.21 -22.09 4.61
CA SER A 190 1.51 -22.35 5.86
C SER A 190 0.46 -23.42 5.60
N ALA A 191 -0.32 -23.76 6.61
CA ALA A 191 -1.50 -24.62 6.43
C ALA A 191 -2.48 -24.06 5.38
N ARG A 192 -2.53 -22.73 5.31
CA ARG A 192 -3.39 -21.97 4.41
C ARG A 192 -3.06 -22.20 2.94
N GLY A 193 -1.85 -22.69 2.68
CA GLY A 193 -1.35 -22.77 1.33
C GLY A 193 -0.67 -21.49 0.89
N GLU A 194 -0.32 -20.63 1.86
CA GLU A 194 0.22 -19.30 1.58
C GLU A 194 1.66 -19.07 2.11
N LEU A 195 2.48 -18.37 1.31
CA LEU A 195 3.79 -17.91 1.75
C LEU A 195 3.56 -16.61 2.52
N GLU A 196 3.60 -16.70 3.85
CA GLU A 196 2.98 -15.70 4.72
C GLU A 196 3.93 -14.52 4.97
N ILE A 197 3.41 -13.30 4.84
CA ILE A 197 4.25 -12.17 5.22
C ILE A 197 4.62 -12.20 6.68
N THR A 198 3.75 -12.78 7.53
CA THR A 198 4.10 -12.89 8.97
C THR A 198 5.44 -13.66 9.19
N ASP A 199 5.64 -14.68 8.37
CA ASP A 199 6.92 -15.44 8.38
C ASP A 199 8.13 -14.63 7.96
N VAL A 200 7.95 -13.72 6.99
CA VAL A 200 9.02 -12.80 6.60
C VAL A 200 9.33 -11.90 7.80
N ASN A 201 8.28 -11.39 8.47
CA ASN A 201 8.49 -10.47 9.60
C ASN A 201 9.10 -11.19 10.81
N LYS A 202 8.70 -12.44 11.03
CA LYS A 202 9.36 -13.26 12.06
C LYS A 202 10.88 -13.40 11.79
N ALA A 203 11.25 -13.62 10.55
CA ALA A 203 12.66 -13.71 10.22
C ALA A 203 13.41 -12.41 10.55
N TYR A 204 12.79 -11.25 10.32
CA TYR A 204 13.46 -9.99 10.63
C TYR A 204 13.51 -9.77 12.15
N LEU A 205 12.49 -10.27 12.83
CA LEU A 205 12.47 -10.22 14.31
C LEU A 205 13.70 -10.98 14.82
N GLU A 206 13.87 -12.19 14.29
CA GLU A 206 14.92 -13.05 14.77
C GLU A 206 16.30 -12.49 14.44
N LEU A 207 16.37 -11.76 13.34
CA LEU A 207 17.59 -11.07 12.95
C LEU A 207 17.85 -9.81 13.81
N GLY A 208 16.92 -9.49 14.71
CA GLY A 208 17.10 -8.33 15.63
C GLY A 208 16.91 -6.94 14.99
N GLU A 209 16.17 -6.88 13.87
CA GLU A 209 15.99 -5.64 13.12
C GLU A 209 14.58 -5.49 12.53
N LEU A 210 13.57 -5.83 13.32
CA LEU A 210 12.19 -5.54 12.94
C LEU A 210 11.69 -4.40 13.79
N HIS A 211 11.44 -3.26 13.15
CA HIS A 211 11.03 -2.03 13.81
C HIS A 211 9.55 -1.87 13.57
N VAL A 212 8.79 -1.48 14.59
CA VAL A 212 7.34 -1.20 14.40
C VAL A 212 7.06 0.31 14.60
N GLU A 213 6.29 0.89 13.68
CA GLU A 213 5.79 2.24 13.83
C GLU A 213 4.36 2.09 14.24
N LEU A 214 4.02 2.51 15.46
CA LEU A 214 2.67 2.33 15.97
C LEU A 214 1.86 3.51 15.55
N LEU A 215 0.83 3.26 14.74
CA LEU A 215 -0.07 4.31 14.29
C LEU A 215 -1.20 4.53 15.32
N GLY A 216 -1.21 5.69 15.96
CA GLY A 216 -2.21 5.97 16.98
C GLY A 216 -3.62 6.16 16.44
N ARG A 217 -4.57 6.42 17.34
CA ARG A 217 -5.97 6.59 16.96
C ARG A 217 -6.25 7.79 16.07
N GLY A 218 -5.33 8.75 15.96
CA GLY A 218 -5.57 9.84 15.01
C GLY A 218 -5.32 9.47 13.56
N PHE A 219 -4.79 8.25 13.32
CA PHE A 219 -4.72 7.74 11.91
C PHE A 219 -5.93 6.91 11.58
N ALA A 220 -6.27 6.90 10.29
CA ALA A 220 -7.25 5.98 9.72
C ALA A 220 -6.52 4.89 8.93
N TRP A 221 -6.88 3.64 9.15
CA TRP A 221 -6.41 2.56 8.28
C TRP A 221 -7.69 1.80 7.88
N LEU A 222 -8.17 2.03 6.65
CA LEU A 222 -9.60 1.80 6.37
C LEU A 222 -9.81 0.41 5.84
N ASP A 223 -10.93 -0.16 6.20
CA ASP A 223 -11.27 -1.53 5.85
C ASP A 223 -11.92 -1.51 4.45
N THR A 224 -11.35 -2.19 3.45
CA THR A 224 -12.07 -2.33 2.16
C THR A 224 -12.52 -3.80 1.97
N GLY A 225 -12.74 -4.51 3.07
CA GLY A 225 -12.95 -5.94 2.99
C GLY A 225 -14.34 -6.37 2.60
N THR A 226 -15.35 -5.56 2.91
CA THR A 226 -16.77 -5.94 2.70
C THR A 226 -17.49 -4.81 1.99
N HIS A 227 -18.73 -5.05 1.53
CA HIS A 227 -19.47 -3.95 0.92
C HIS A 227 -19.74 -2.84 1.91
N GLU A 228 -20.05 -3.25 3.15
CA GLU A 228 -20.33 -2.29 4.20
C GLU A 228 -19.05 -1.47 4.45
N SER A 229 -17.91 -2.11 4.58
CA SER A 229 -16.71 -1.34 4.93
C SER A 229 -16.21 -0.48 3.77
N LEU A 230 -16.39 -0.97 2.55
CA LEU A 230 -16.05 -0.17 1.35
C LEU A 230 -16.84 1.12 1.35
N LEU A 231 -18.11 1.03 1.70
CA LEU A 231 -18.94 2.16 1.68
C LEU A 231 -18.53 3.15 2.79
N GLN A 232 -18.17 2.62 3.95
CA GLN A 232 -17.70 3.50 5.03
C GLN A 232 -16.40 4.18 4.67
N ALA A 233 -15.51 3.49 3.94
CA ALA A 233 -14.29 4.09 3.51
C ALA A 233 -14.56 5.24 2.56
N SER A 234 -15.46 5.03 1.59
CA SER A 234 -15.87 6.06 0.64
C SER A 234 -16.43 7.31 1.35
N GLN A 235 -17.24 7.08 2.38
CA GLN A 235 -17.87 8.20 3.08
C GLN A 235 -16.81 8.96 3.84
N PHE A 236 -15.82 8.25 4.36
CA PHE A 236 -14.75 8.87 5.15
C PHE A 236 -13.98 9.83 4.24
N ILE A 237 -13.59 9.37 3.07
CA ILE A 237 -12.88 10.22 2.14
C ILE A 237 -13.75 11.42 1.73
N GLU A 238 -15.01 11.19 1.40
CA GLU A 238 -15.86 12.26 0.99
C GLU A 238 -15.84 13.38 2.03
N THR A 239 -15.98 12.97 3.28
CA THR A 239 -16.09 13.95 4.38
C THR A 239 -14.82 14.81 4.53
N ILE A 240 -13.65 14.16 4.52
CA ILE A 240 -12.35 14.86 4.57
C ILE A 240 -12.21 15.84 3.37
N GLU A 241 -12.56 15.38 2.19
CA GLU A 241 -12.38 16.21 1.00
C GLU A 241 -13.37 17.37 0.85
N LYS A 242 -14.62 17.16 1.29
CA LYS A 242 -15.71 18.11 1.13
C LYS A 242 -15.43 19.39 1.92
N ARG A 243 -14.92 19.17 3.13
CA ARG A 243 -14.65 20.24 4.06
C ARG A 243 -13.44 21.10 3.59
N GLN A 244 -12.36 20.45 3.20
CA GLN A 244 -11.12 21.16 2.93
C GLN A 244 -11.05 21.46 1.49
N SER A 245 -10.11 22.23 1.03
CA SER A 245 -10.19 22.13 -0.41
C SER A 245 -9.41 21.06 -1.12
N LEU A 246 -9.31 19.89 -0.48
CA LEU A 246 -8.09 19.07 -0.62
C LEU A 246 -8.39 17.61 -0.79
N LYS A 247 -7.64 16.98 -1.70
CA LYS A 247 -7.91 15.62 -2.06
C LYS A 247 -6.98 14.67 -1.36
N VAL A 248 -7.50 13.47 -1.08
CA VAL A 248 -6.67 12.42 -0.58
C VAL A 248 -6.24 11.57 -1.80
N ALA A 249 -4.94 11.33 -1.95
CA ALA A 249 -4.44 10.39 -2.96
C ALA A 249 -4.73 10.83 -4.39
N CYS A 250 -4.59 12.13 -4.61
CA CYS A 250 -4.61 12.68 -5.99
C CYS A 250 -3.20 12.51 -6.53
N LEU A 251 -3.02 11.55 -7.46
CA LEU A 251 -1.64 11.19 -7.83
C LEU A 251 -0.85 12.35 -8.44
N GLU A 252 -1.51 13.14 -9.30
CA GLU A 252 -0.83 14.23 -10.02
C GLU A 252 -0.38 15.32 -9.04
N GLU A 253 -1.22 15.61 -8.05
CA GLU A 253 -0.85 16.52 -7.00
C GLU A 253 0.38 16.06 -6.25
N ILE A 254 0.41 14.77 -5.89
CA ILE A 254 1.53 14.25 -5.12
C ILE A 254 2.81 14.28 -5.95
N ALA A 255 2.69 13.94 -7.22
CA ALA A 255 3.85 14.00 -8.13
C ALA A 255 4.44 15.44 -8.16
N TYR A 256 3.58 16.45 -8.15
CA TYR A 256 4.04 17.83 -8.15
C TYR A 256 4.65 18.23 -6.79
N ARG A 257 3.93 17.91 -5.72
CA ARG A 257 4.37 18.30 -4.37
C ARG A 257 5.71 17.62 -4.02
N MET A 258 5.92 16.38 -4.52
CA MET A 258 7.16 15.63 -4.26
C MET A 258 8.33 16.07 -5.17
N GLY A 259 8.05 16.97 -6.12
CA GLY A 259 9.07 17.37 -7.10
C GLY A 259 9.27 16.40 -8.26
N TYR A 260 8.39 15.39 -8.38
CA TYR A 260 8.56 14.43 -9.49
C TYR A 260 8.24 15.04 -10.84
N ILE A 261 7.33 16.02 -10.85
CA ILE A 261 6.99 16.74 -12.05
C ILE A 261 6.97 18.22 -11.72
N SER A 262 7.13 19.06 -12.74
CA SER A 262 7.19 20.52 -12.58
C SER A 262 5.80 21.14 -12.57
N ARG A 263 5.72 22.42 -12.21
CA ARG A 263 4.47 23.16 -12.31
C ARG A 263 4.00 23.14 -13.76
N GLU A 264 4.95 23.27 -14.69
CA GLU A 264 4.64 23.23 -16.13
C GLU A 264 3.98 21.91 -16.51
N GLN A 265 4.54 20.80 -16.02
CA GLN A 265 3.99 19.48 -16.37
C GLN A 265 2.59 19.27 -15.77
N LEU A 266 2.39 19.79 -14.56
CA LEU A 266 1.07 19.68 -13.93
C LEU A 266 -0.02 20.40 -14.71
N ILE A 267 0.31 21.58 -15.22
CA ILE A 267 -0.61 22.31 -16.07
C ILE A 267 -0.99 21.47 -17.31
N LYS A 268 0.00 20.82 -17.89
CA LYS A 268 -0.25 20.00 -19.07
C LYS A 268 -1.15 18.78 -18.76
N LEU A 269 -1.03 18.24 -17.53
CA LEU A 269 -1.91 17.17 -17.09
C LEU A 269 -3.31 17.68 -16.88
N ALA A 270 -3.41 18.90 -16.34
CA ALA A 270 -4.73 19.48 -16.02
C ALA A 270 -5.54 19.81 -17.26
N GLU A 271 -4.85 20.31 -18.29
CA GLU A 271 -5.52 20.87 -19.46
C GLU A 271 -6.63 19.97 -20.10
N PRO A 272 -6.30 18.73 -20.46
CA PRO A 272 -7.32 17.83 -21.06
C PRO A 272 -8.47 17.39 -20.11
N LEU A 273 -8.36 17.71 -18.81
CA LEU A 273 -9.34 17.27 -17.79
C LEU A 273 -10.15 18.45 -17.26
N MET A 274 -10.04 19.60 -17.93
CA MET A 274 -10.66 20.81 -17.42
C MET A 274 -12.21 20.78 -17.41
N LYS A 275 -12.82 19.85 -18.13
CA LYS A 275 -14.29 19.68 -18.07
C LYS A 275 -14.81 19.01 -16.77
N ASN A 276 -13.91 18.42 -15.99
CA ASN A 276 -14.30 17.75 -14.77
C ASN A 276 -13.63 18.31 -13.55
N GLU A 277 -14.16 17.97 -12.39
CA GLU A 277 -13.74 18.64 -11.17
C GLU A 277 -12.28 18.27 -10.87
N TYR A 278 -11.88 17.07 -11.26
CA TYR A 278 -10.52 16.58 -10.94
C TYR A 278 -9.50 17.43 -11.65
N GLY A 279 -9.71 17.70 -12.94
CA GLY A 279 -8.76 18.55 -13.69
C GLY A 279 -8.71 19.96 -13.13
N GLN A 280 -9.88 20.48 -12.76
CA GLN A 280 -9.95 21.80 -12.22
C GLN A 280 -9.17 21.88 -10.91
N TYR A 281 -9.19 20.80 -10.14
CA TYR A 281 -8.42 20.76 -8.88
C TYR A 281 -6.92 20.85 -9.18
N LEU A 282 -6.48 20.09 -10.18
CA LEU A 282 -5.07 20.13 -10.55
C LEU A 282 -4.67 21.52 -11.03
N MET A 283 -5.56 22.15 -11.79
CA MET A 283 -5.22 23.49 -12.28
C MET A 283 -5.17 24.53 -11.14
N ASN A 284 -6.09 24.42 -10.19
CA ASN A 284 -6.05 25.27 -9.01
C ASN A 284 -4.77 25.11 -8.25
N LEU A 285 -4.34 23.87 -8.09
CA LEU A 285 -3.07 23.60 -7.41
C LEU A 285 -1.88 24.21 -8.15
N ALA A 286 -1.89 24.09 -9.47
CA ALA A 286 -0.86 24.69 -10.31
C ALA A 286 -0.80 26.21 -10.11
N HIS A 287 -1.93 26.82 -9.81
CA HIS A 287 -2.01 28.28 -9.81
C HIS A 287 -1.54 28.85 -8.48
N ARG A 288 -1.58 27.98 -7.48
CA ARG A 288 -1.70 28.46 -6.13
C ARG A 288 -0.47 28.06 -5.35
O5' THM B . -5.45 -10.94 1.26
C5' THM B . -4.75 -9.71 1.41
C4' THM B . -4.78 -8.86 0.14
O4' THM B . -3.72 -9.29 -0.73
C3' THM B . -6.09 -8.97 -0.63
O3' THM B . -6.38 -7.72 -1.31
C2' THM B . -5.77 -9.93 -1.75
C1' THM B . -4.28 -9.76 -1.98
N1 THM B . -3.55 -10.97 -2.28
C2 THM B . -2.74 -11.00 -3.36
O2 THM B . -2.74 -10.08 -4.19
N3 THM B . -2.01 -12.10 -3.65
C4 THM B . -1.96 -13.12 -2.77
O4 THM B . -1.23 -14.12 -3.00
C5 THM B . -2.76 -13.10 -1.63
C5M THM B . -2.70 -14.26 -0.67
C6 THM B . -3.52 -11.96 -1.35
O5' THM C . -0.46 14.64 4.96
C5' THM C . -1.68 14.23 5.59
C4' THM C . -2.39 13.04 4.91
O4' THM C . -2.67 13.44 3.55
C3' THM C . -1.49 11.81 4.85
O3' THM C . -2.28 10.63 4.95
C2' THM C . -0.89 11.88 3.42
C1' THM C . -2.02 12.56 2.64
N1 THM C . -1.62 13.41 1.51
C2 THM C . -2.16 13.19 0.27
O2 THM C . -2.99 12.28 0.07
N3 THM C . -1.89 14.03 -0.76
C4 THM C . -1.06 15.06 -0.63
O4 THM C . -0.83 15.81 -1.62
C5 THM C . -0.51 15.34 0.63
C5M THM C . 0.45 16.50 0.80
C6 THM C . -0.79 14.47 1.72
S SO4 D . -11.61 -4.64 -20.35
O1 SO4 D . -10.95 -5.96 -20.40
O2 SO4 D . -10.63 -3.54 -20.48
O3 SO4 D . -12.30 -4.48 -19.06
O4 SO4 D . -12.56 -4.59 -21.47
S SO4 E . 2.75 7.17 -19.16
O1 SO4 E . 2.42 8.07 -18.03
O2 SO4 E . 2.86 7.99 -20.38
O3 SO4 E . 4.04 6.43 -18.93
O4 SO4 E . 1.63 6.21 -19.35
S SO4 F . -0.39 17.20 7.37
O1 SO4 F . 0.55 16.12 7.75
O2 SO4 F . 0.35 18.45 7.65
O3 SO4 F . -0.62 17.15 5.88
O4 SO4 F . -1.69 17.15 8.10
#